data_6ETU
#
_entry.id   6ETU
#
_cell.length_a   71.999
_cell.length_b   71.999
_cell.length_c   150.872
_cell.angle_alpha   90.000
_cell.angle_beta   90.000
_cell.angle_gamma   90.000
#
_symmetry.space_group_name_H-M   'P 43 21 2'
#
loop_
_entity.id
_entity.type
_entity.pdbx_description
1 polymer 'Lysine-specific demethylase 4D'
2 non-polymer 'ZINC ION'
3 non-polymer 'CHLORIDE ION'
4 non-polymer 'SODIUM ION'
5 non-polymer 1,2-ETHANEDIOL
6 non-polymer 'SULFATE ION'
7 non-polymer 'NICKEL (II) ION'
8 non-polymer [[3-(2~{H}-1,2,3,4-tetrazol-5-yl)phenyl]carbonylamino]azanium
9 water water
#
_entity_poly.entity_id   1
_entity_poly.type   'polypeptide(L)'
_entity_poly.pdbx_seq_one_letter_code
;METMKSKANCAQNPNCNIMIFHPTKEEFNDFDKYIAYMESQGAHRAGLAKIIPPKEWKARETYDNISEILIATPLQQVAS
GRAGVFTQYHKKKKAMTVGEYRHLANSKKYQTPPHQNFEDLERKYWKNRIYNSPIYGADISGSLFDENTKQWNLGHLGTI
QDLLEKECGVVIEGVNTPYLYFGMWKTTFAWHTEDMDLYSINYLHLGEPKTWYVVPPEHGQRLERLARELFPGSSRGCGA
FLRHKVALISPTVLKENGIPFNRITQEAGEFMVTFPYGYHAGFNHGFNCAEAINFATPRWIDYGKMASQCSCGEARVTFS
MDAFVRILQPERYDLWKRGQDR
;
_entity_poly.pdbx_strand_id   A
#
loop_
_chem_comp.id
_chem_comp.type
_chem_comp.name
_chem_comp.formula
BWZ non-polymer [[3-(2~{H}-1,2,3,4-tetrazol-5-yl)phenyl]carbonylamino]azanium 'C8 H9 N6 O 1'
CL non-polymer 'CHLORIDE ION' 'Cl -1'
EDO non-polymer 1,2-ETHANEDIOL 'C2 H6 O2'
NA non-polymer 'SODIUM ION' 'Na 1'
NI non-polymer 'NICKEL (II) ION' 'Ni 2'
SO4 non-polymer 'SULFATE ION' 'O4 S -2'
ZN non-polymer 'ZINC ION' 'Zn 2'
#
# COMPACT_ATOMS: atom_id res chain seq x y z
N ALA A 11 15.87 -22.86 6.21
CA ALA A 11 15.21 -21.71 5.57
C ALA A 11 14.01 -21.22 6.35
N GLN A 12 14.02 -20.00 6.81
CA GLN A 12 12.92 -19.52 7.66
CA GLN A 12 12.92 -19.51 7.65
C GLN A 12 11.55 -19.11 6.87
N ASN A 13 10.48 -19.53 7.51
CA ASN A 13 9.13 -19.27 6.97
C ASN A 13 8.99 -19.82 5.53
N PRO A 14 9.28 -21.09 5.31
CA PRO A 14 9.26 -21.66 3.96
C PRO A 14 7.87 -21.62 3.35
N ASN A 15 6.76 -21.67 4.13
CA ASN A 15 5.43 -21.62 3.57
C ASN A 15 4.98 -20.19 3.30
N CYS A 16 5.84 -19.19 3.57
CA CYS A 16 5.54 -17.79 3.22
C CYS A 16 4.28 -17.30 3.94
N ASN A 17 4.11 -17.71 5.17
CA ASN A 17 3.00 -17.18 6.00
C ASN A 17 3.21 -15.74 6.42
N ILE A 18 2.15 -14.98 6.57
CA ILE A 18 2.22 -13.64 7.11
C ILE A 18 2.51 -13.76 8.58
N MET A 19 3.62 -13.17 9.01
CA MET A 19 4.08 -13.16 10.38
C MET A 19 3.63 -11.88 11.09
N ILE A 20 3.40 -12.00 12.39
CA ILE A 20 2.99 -10.91 13.26
C ILE A 20 4.02 -10.74 14.34
N PHE A 21 4.47 -9.52 14.54
CA PHE A 21 5.53 -9.20 15.49
C PHE A 21 5.02 -8.31 16.60
N HIS A 22 5.57 -8.51 17.79
CA HIS A 22 5.26 -7.75 18.97
C HIS A 22 6.53 -7.20 19.61
N PRO A 23 7.17 -6.20 18.95
CA PRO A 23 8.39 -5.65 19.54
C PRO A 23 8.19 -5.04 20.92
N THR A 24 9.21 -5.17 21.75
CA THR A 24 9.24 -4.45 23.00
C THR A 24 9.54 -2.99 22.74
N LYS A 25 9.43 -2.17 23.77
CA LYS A 25 9.74 -0.76 23.62
C LYS A 25 11.16 -0.56 23.26
N GLU A 26 12.07 -1.39 23.80
CA GLU A 26 13.50 -1.31 23.41
C GLU A 26 13.72 -1.69 21.95
N GLU A 27 13.04 -2.74 21.49
CA GLU A 27 13.17 -3.19 20.13
C GLU A 27 12.55 -2.22 19.15
N PHE A 28 11.72 -1.31 19.61
CA PHE A 28 10.98 -0.36 18.78
C PHE A 28 11.84 0.87 18.52
N ASN A 29 13.04 0.96 19.03
CA ASN A 29 13.85 2.18 18.89
C ASN A 29 14.46 2.30 17.53
N ASP A 30 15.04 1.23 16.98
CA ASP A 30 15.85 1.28 15.80
C ASP A 30 15.04 0.58 14.69
N PHE A 31 14.45 1.39 13.83
CA PHE A 31 13.57 0.92 12.77
C PHE A 31 14.27 -0.06 11.84
N ASP A 32 15.37 0.31 11.25
N ASP A 32 15.36 0.33 11.28
CA ASP A 32 16.08 -0.51 10.31
CA ASP A 32 16.08 -0.49 10.36
C ASP A 32 16.49 -1.83 10.92
C ASP A 32 16.50 -1.82 10.93
N LYS A 33 16.91 -1.80 12.18
CA LYS A 33 17.34 -3.01 12.86
CA LYS A 33 17.36 -3.05 12.76
C LYS A 33 16.17 -3.99 12.91
N TYR A 34 14.98 -3.48 13.26
CA TYR A 34 13.82 -4.35 13.42
C TYR A 34 13.39 -4.90 12.07
N ILE A 35 13.42 -4.11 10.99
CA ILE A 35 13.11 -4.67 9.70
C ILE A 35 14.05 -5.82 9.39
N ALA A 36 15.36 -5.64 9.62
CA ALA A 36 16.30 -6.72 9.39
C ALA A 36 16.00 -7.91 10.24
N TYR A 37 15.60 -7.73 11.48
CA TYR A 37 15.27 -8.83 12.39
C TYR A 37 14.07 -9.57 11.82
N MET A 38 13.07 -8.85 11.34
N MET A 38 13.01 -8.89 11.37
CA MET A 38 11.89 -9.45 10.75
CA MET A 38 11.89 -9.61 10.82
C MET A 38 12.21 -10.33 9.57
C MET A 38 12.36 -10.45 9.64
N GLU A 39 13.17 -9.88 8.76
CA GLU A 39 13.65 -10.63 7.59
CA GLU A 39 13.66 -10.62 7.60
C GLU A 39 14.49 -11.83 8.05
N SER A 40 15.25 -11.72 9.14
CA SER A 40 16.00 -12.87 9.65
C SER A 40 15.09 -14.02 10.06
N GLN A 41 13.83 -13.73 10.37
CA GLN A 41 12.83 -14.70 10.71
C GLN A 41 12.01 -15.16 9.51
N GLY A 42 12.32 -14.66 8.31
CA GLY A 42 11.61 -14.99 7.08
C GLY A 42 10.36 -14.23 6.79
N ALA A 43 10.17 -13.11 7.49
CA ALA A 43 8.90 -12.38 7.28
C ALA A 43 8.69 -11.95 5.86
N HIS A 44 9.74 -11.52 5.18
CA HIS A 44 9.60 -11.03 3.83
C HIS A 44 9.08 -12.05 2.86
N ARG A 45 9.22 -13.31 3.14
CA ARG A 45 8.76 -14.34 2.22
C ARG A 45 7.28 -14.26 1.95
N ALA A 46 6.55 -13.74 2.93
CA ALA A 46 5.14 -13.58 2.72
C ALA A 46 4.73 -12.40 1.84
N GLY A 47 5.60 -11.39 1.81
CA GLY A 47 5.30 -10.11 1.15
C GLY A 47 4.74 -9.06 2.06
N LEU A 48 4.26 -9.43 3.17
CA LEU A 48 3.57 -8.49 4.11
CA LEU A 48 3.58 -8.48 4.11
C LEU A 48 3.77 -9.04 5.64
N ALA A 49 4.03 -8.14 6.54
CA ALA A 49 4.08 -8.51 7.93
C ALA A 49 3.29 -7.47 8.73
N LYS A 50 2.74 -7.92 9.86
CA LYS A 50 2.07 -7.04 10.81
C LYS A 50 3.01 -6.82 11.99
N ILE A 51 3.02 -5.55 12.44
CA ILE A 51 3.74 -5.15 13.64
C ILE A 51 2.82 -4.46 14.61
N ILE A 52 2.71 -5.04 15.79
CA ILE A 52 1.85 -4.51 16.83
CA ILE A 52 1.90 -4.52 16.87
C ILE A 52 2.79 -3.73 17.77
N PRO A 53 2.60 -2.41 17.90
CA PRO A 53 3.52 -1.61 18.74
CA PRO A 53 3.55 -1.66 18.72
C PRO A 53 3.44 -1.99 20.21
N PRO A 54 4.52 -1.80 20.95
CA PRO A 54 4.42 -2.05 22.40
C PRO A 54 3.36 -1.18 23.02
N LYS A 55 2.92 -1.63 24.20
CA LYS A 55 1.85 -0.97 24.90
C LYS A 55 2.26 0.44 25.32
N GLU A 56 3.53 0.72 25.48
CA GLU A 56 3.97 2.03 25.97
C GLU A 56 3.86 3.08 24.81
N TRP A 57 3.55 2.71 23.57
CA TRP A 57 3.75 3.60 22.42
C TRP A 57 2.43 4.18 21.94
N LYS A 58 2.45 5.41 21.41
CA LYS A 58 1.29 5.99 20.74
CA LYS A 58 1.28 6.08 20.85
C LYS A 58 1.75 6.88 19.61
N ALA A 59 0.94 6.95 18.56
CA ALA A 59 1.27 7.77 17.43
C ALA A 59 1.14 9.28 17.71
N ARG A 60 0.08 9.65 18.42
CA ARG A 60 -0.22 11.06 18.77
C ARG A 60 -1.19 10.96 19.94
N GLU A 61 -1.47 12.07 20.55
CA GLU A 61 -2.31 12.07 21.74
CA GLU A 61 -2.31 12.06 21.73
C GLU A 61 -3.76 11.72 21.45
N THR A 62 -4.39 12.44 20.54
N THR A 62 -4.37 12.43 20.51
CA THR A 62 -5.76 12.14 20.17
CA THR A 62 -5.81 12.38 20.29
C THR A 62 -6.00 12.42 18.71
C THR A 62 -6.13 12.63 18.82
N TYR A 63 -7.13 11.93 18.26
CA TYR A 63 -7.58 12.20 16.91
C TYR A 63 -8.77 13.15 16.91
N ASP A 64 -8.92 13.91 17.98
CA ASP A 64 -10.09 14.82 18.13
CA ASP A 64 -10.11 14.79 18.11
C ASP A 64 -10.07 16.05 17.24
N ASN A 65 -8.96 16.35 16.62
CA ASN A 65 -8.75 17.67 15.97
CA ASN A 65 -8.65 17.64 16.01
C ASN A 65 -8.38 17.53 14.51
N ILE A 66 -8.85 16.46 13.85
CA ILE A 66 -8.50 16.15 12.48
C ILE A 66 -9.57 16.52 11.45
N SER A 67 -10.65 17.05 11.91
CA SER A 67 -11.79 17.23 11.01
CA SER A 67 -11.78 17.21 11.02
C SER A 67 -11.76 18.27 9.76
N GLU A 68 -10.80 19.17 10.01
CA GLU A 68 -10.52 20.30 9.14
C GLU A 68 -9.50 20.03 8.04
N ILE A 69 -8.89 18.87 8.11
CA ILE A 69 -8.01 18.43 7.04
C ILE A 69 -8.84 18.39 5.78
N LEU A 70 -8.30 18.84 4.68
CA LEU A 70 -8.98 18.81 3.42
C LEU A 70 -8.58 17.65 2.52
N ILE A 71 -9.61 17.02 1.96
CA ILE A 71 -9.46 16.04 0.93
C ILE A 71 -9.74 16.81 -0.37
N ALA A 72 -8.70 17.30 -1.00
CA ALA A 72 -8.87 18.23 -2.11
C ALA A 72 -9.57 17.58 -3.32
N THR A 73 -9.29 16.30 -3.55
CA THR A 73 -9.88 15.65 -4.71
C THR A 73 -10.27 14.23 -4.26
N PRO A 74 -11.41 14.09 -3.58
CA PRO A 74 -11.91 12.74 -3.31
C PRO A 74 -12.17 12.01 -4.63
N LEU A 75 -12.03 10.71 -4.56
CA LEU A 75 -12.09 9.83 -5.74
C LEU A 75 -13.22 8.80 -5.54
N GLN A 76 -14.12 8.73 -6.50
CA GLN A 76 -15.17 7.70 -6.49
CA GLN A 76 -15.18 7.71 -6.51
C GLN A 76 -14.71 6.54 -7.35
N GLN A 77 -14.70 5.34 -6.76
CA GLN A 77 -14.11 4.16 -7.41
C GLN A 77 -15.20 3.35 -8.07
N VAL A 78 -15.33 3.52 -9.37
CA VAL A 78 -16.40 2.94 -10.16
C VAL A 78 -15.86 1.66 -10.83
N ALA A 79 -16.54 0.52 -10.61
CA ALA A 79 -16.10 -0.76 -11.09
C ALA A 79 -16.71 -1.14 -12.43
N SER A 80 -16.03 -2.04 -13.16
N SER A 80 -15.94 -1.93 -13.15
CA SER A 80 -16.53 -2.71 -14.36
CA SER A 80 -16.34 -2.37 -14.43
C SER A 80 -16.03 -4.13 -14.34
C SER A 80 -15.93 -3.83 -14.50
N GLY A 81 -16.79 -5.04 -14.93
N GLY A 81 -16.89 -4.73 -14.75
CA GLY A 81 -16.35 -6.41 -15.04
CA GLY A 81 -16.61 -6.15 -14.78
C GLY A 81 -17.31 -7.38 -14.41
C GLY A 81 -17.49 -6.96 -13.88
N ARG A 82 -16.83 -8.20 -13.54
N ARG A 82 -16.96 -8.13 -13.57
CA ARG A 82 -17.59 -9.16 -12.80
CA ARG A 82 -17.60 -9.14 -12.77
C ARG A 82 -17.10 -9.23 -11.37
C ARG A 82 -17.12 -9.19 -11.35
N ALA A 83 -17.92 -9.80 -10.49
CA ALA A 83 -17.72 -9.62 -9.06
C ALA A 83 -16.32 -9.97 -8.63
N GLY A 84 -15.74 -11.03 -9.20
CA GLY A 84 -14.44 -11.50 -8.82
C GLY A 84 -13.27 -11.01 -9.67
N VAL A 85 -13.59 -10.37 -10.80
CA VAL A 85 -12.58 -9.95 -11.77
C VAL A 85 -13.05 -8.65 -12.35
N PHE A 86 -12.52 -7.55 -11.84
CA PHE A 86 -13.03 -6.21 -12.25
C PHE A 86 -11.93 -5.19 -12.26
N THR A 87 -12.15 -4.12 -12.97
CA THR A 87 -11.31 -2.95 -12.88
C THR A 87 -12.07 -1.82 -12.22
N GLN A 88 -11.32 -0.83 -11.74
CA GLN A 88 -12.01 0.35 -11.18
C GLN A 88 -11.34 1.61 -11.78
N TYR A 89 -12.16 2.53 -12.08
CA TYR A 89 -11.60 3.87 -12.43
CA TYR A 89 -11.80 3.93 -12.56
C TYR A 89 -12.08 5.00 -11.36
N HIS A 90 -11.18 5.93 -11.28
CA HIS A 90 -11.30 6.90 -10.22
C HIS A 90 -11.86 8.19 -10.76
N LYS A 91 -13.10 8.45 -10.41
CA LYS A 91 -13.80 9.67 -10.83
C LYS A 91 -13.56 10.76 -9.80
N LYS A 92 -13.12 11.92 -10.25
CA LYS A 92 -12.80 13.00 -9.33
C LYS A 92 -14.10 13.67 -8.82
N LYS A 93 -14.14 13.98 -7.54
CA LYS A 93 -15.27 14.64 -6.91
C LYS A 93 -14.79 15.97 -6.31
N LYS A 94 -15.76 16.80 -5.95
CA LYS A 94 -15.50 18.05 -5.32
C LYS A 94 -14.87 17.88 -3.92
N ALA A 95 -14.01 18.82 -3.52
CA ALA A 95 -13.28 18.77 -2.27
C ALA A 95 -14.26 18.65 -1.10
N MET A 96 -13.74 18.08 -0.05
N MET A 96 -13.81 17.90 -0.10
CA MET A 96 -14.48 18.10 1.20
CA MET A 96 -14.48 17.75 1.20
C MET A 96 -13.52 17.85 2.34
C MET A 96 -13.48 17.86 2.33
N THR A 97 -13.90 18.28 3.51
CA THR A 97 -13.05 18.10 4.72
C THR A 97 -13.16 16.69 5.20
N VAL A 98 -12.26 16.30 6.08
CA VAL A 98 -12.33 15.00 6.73
C VAL A 98 -13.61 14.89 7.54
N GLY A 99 -14.07 15.96 8.18
CA GLY A 99 -15.32 15.85 8.92
C GLY A 99 -16.50 15.56 8.02
N GLU A 100 -16.51 16.22 6.88
CA GLU A 100 -17.58 16.00 5.88
C GLU A 100 -17.52 14.56 5.33
N TYR A 101 -16.32 14.08 5.07
CA TYR A 101 -16.07 12.73 4.57
C TYR A 101 -16.52 11.69 5.59
N ARG A 102 -16.24 11.88 6.83
CA ARG A 102 -16.63 10.97 7.89
C ARG A 102 -18.16 10.86 7.94
N HIS A 103 -18.84 11.99 7.85
CA HIS A 103 -20.27 11.98 7.86
C HIS A 103 -20.81 11.24 6.62
N LEU A 104 -20.19 11.45 5.47
CA LEU A 104 -20.58 10.75 4.26
C LEU A 104 -20.36 9.24 4.40
N ALA A 105 -19.22 8.82 4.91
CA ALA A 105 -18.93 7.40 5.09
C ALA A 105 -19.96 6.74 5.99
N ASN A 106 -20.50 7.48 6.96
CA ASN A 106 -21.43 6.94 7.95
C ASN A 106 -22.84 7.06 7.53
N SER A 107 -23.11 7.65 6.38
CA SER A 107 -24.47 7.79 5.87
C SER A 107 -25.05 6.44 5.43
N LYS A 108 -26.36 6.35 5.30
CA LYS A 108 -26.95 5.08 4.96
CA LYS A 108 -27.01 5.13 4.90
C LYS A 108 -26.46 4.55 3.61
N LYS A 109 -26.16 5.43 2.69
CA LYS A 109 -25.68 5.02 1.37
C LYS A 109 -24.35 4.28 1.43
N TYR A 110 -23.46 4.70 2.35
CA TYR A 110 -22.09 4.22 2.32
C TYR A 110 -21.69 3.45 3.56
N GLN A 111 -22.51 3.37 4.61
CA GLN A 111 -22.10 2.74 5.86
CA GLN A 111 -22.03 2.77 5.84
C GLN A 111 -21.91 1.25 5.72
N THR A 112 -21.02 0.72 6.50
CA THR A 112 -20.79 -0.72 6.60
C THR A 112 -22.08 -1.43 7.01
N PRO A 113 -22.45 -2.51 6.33
CA PRO A 113 -23.68 -3.24 6.71
C PRO A 113 -23.47 -4.01 8.00
N PRO A 114 -24.54 -4.39 8.63
CA PRO A 114 -24.42 -5.33 9.74
C PRO A 114 -23.78 -6.63 9.27
N HIS A 115 -22.91 -7.17 10.11
CA HIS A 115 -22.13 -8.36 9.76
C HIS A 115 -21.74 -9.12 11.02
N GLN A 116 -21.51 -10.42 10.88
CA GLN A 116 -21.22 -11.30 12.04
C GLN A 116 -19.78 -11.29 12.52
N ASN A 117 -18.86 -11.24 11.57
CA ASN A 117 -17.40 -11.26 11.84
C ASN A 117 -16.65 -10.81 10.57
N PHE A 118 -15.30 -10.73 10.59
CA PHE A 118 -14.62 -10.24 9.42
CA PHE A 118 -14.52 -10.21 9.44
C PHE A 118 -14.83 -11.12 8.19
N GLU A 119 -14.96 -12.45 8.36
CA GLU A 119 -15.27 -13.43 7.27
CA GLU A 119 -15.23 -13.37 7.22
C GLU A 119 -16.59 -13.08 6.53
N ASP A 120 -17.64 -12.76 7.32
CA ASP A 120 -18.96 -12.43 6.77
C ASP A 120 -18.81 -11.12 5.99
N LEU A 121 -18.07 -10.16 6.53
CA LEU A 121 -17.92 -8.92 5.85
C LEU A 121 -17.10 -9.07 4.57
N GLU A 122 -16.11 -9.94 4.62
CA GLU A 122 -15.28 -10.26 3.45
C GLU A 122 -16.16 -10.86 2.35
N ARG A 123 -17.04 -11.79 2.69
CA ARG A 123 -17.97 -12.36 1.77
CA ARG A 123 -17.93 -12.33 1.71
C ARG A 123 -18.85 -11.29 1.11
N LYS A 124 -19.40 -10.38 1.92
CA LYS A 124 -20.23 -9.30 1.42
C LYS A 124 -19.45 -8.39 0.50
N TYR A 125 -18.20 -8.09 0.83
CA TYR A 125 -17.36 -7.25 -0.03
C TYR A 125 -17.25 -7.87 -1.43
N TRP A 126 -16.81 -9.13 -1.51
CA TRP A 126 -16.56 -9.71 -2.80
C TRP A 126 -17.84 -10.01 -3.56
N LYS A 127 -18.94 -10.23 -2.88
CA LYS A 127 -20.21 -10.41 -3.54
C LYS A 127 -20.73 -9.13 -4.15
N ASN A 128 -20.58 -8.03 -3.44
CA ASN A 128 -21.32 -6.81 -3.72
C ASN A 128 -20.52 -5.61 -4.13
N ARG A 129 -19.22 -5.65 -4.08
CA ARG A 129 -18.44 -4.44 -4.33
C ARG A 129 -18.73 -3.78 -5.65
N ILE A 130 -18.88 -4.56 -6.69
CA ILE A 130 -18.97 -3.92 -7.97
C ILE A 130 -20.21 -3.09 -8.19
N TYR A 131 -21.23 -3.34 -7.38
CA TYR A 131 -22.51 -2.67 -7.49
C TYR A 131 -22.61 -1.35 -6.79
N ASN A 132 -21.51 -0.95 -6.18
CA ASN A 132 -21.43 0.31 -5.47
C ASN A 132 -20.19 1.07 -5.87
N SER A 133 -20.15 2.37 -5.62
CA SER A 133 -19.00 3.19 -5.97
CA SER A 133 -18.97 3.14 -5.95
C SER A 133 -18.57 3.99 -4.78
N PRO A 134 -17.76 3.44 -3.89
CA PRO A 134 -17.32 4.19 -2.70
C PRO A 134 -16.38 5.33 -3.06
N ILE A 135 -16.26 6.28 -2.13
CA ILE A 135 -15.45 7.48 -2.30
C ILE A 135 -14.31 7.46 -1.30
N TYR A 136 -13.13 7.92 -1.68
CA TYR A 136 -12.04 7.96 -0.74
C TYR A 136 -11.05 9.05 -0.99
N GLY A 137 -10.24 9.32 0.02
CA GLY A 137 -9.17 10.25 -0.10
C GLY A 137 -7.88 9.54 -0.19
N ALA A 138 -7.08 9.83 -1.19
CA ALA A 138 -5.89 9.05 -1.44
C ALA A 138 -4.68 9.93 -1.66
N ASP A 139 -3.53 9.44 -1.22
CA ASP A 139 -2.24 10.04 -1.56
C ASP A 139 -2.21 11.51 -1.18
N ILE A 140 -2.71 11.83 0.04
CA ILE A 140 -2.73 13.19 0.53
C ILE A 140 -1.44 13.45 1.27
N SER A 141 -0.56 14.29 0.77
N SER A 141 -0.62 14.35 0.77
CA SER A 141 0.68 14.47 1.49
CA SER A 141 0.63 14.65 1.44
C SER A 141 0.39 15.06 2.85
C SER A 141 0.42 15.15 2.89
N GLY A 142 0.98 14.46 3.88
CA GLY A 142 0.82 14.91 5.26
C GLY A 142 1.11 13.79 6.22
N SER A 143 1.00 14.14 7.50
CA SER A 143 1.26 13.18 8.59
C SER A 143 0.39 13.48 9.78
N LEU A 144 0.00 12.42 10.47
CA LEU A 144 -0.67 12.50 11.76
C LEU A 144 0.16 12.02 12.92
N PHE A 145 1.43 11.72 12.72
CA PHE A 145 2.29 11.44 13.87
C PHE A 145 2.67 12.70 14.59
N ASP A 146 2.63 12.68 15.89
CA ASP A 146 3.16 13.81 16.59
CA ASP A 146 3.11 13.79 16.71
C ASP A 146 4.64 13.88 16.48
N GLU A 147 5.16 15.09 16.40
CA GLU A 147 6.59 15.26 16.18
CA GLU A 147 6.59 15.26 16.17
C GLU A 147 7.38 14.71 17.34
N ASN A 148 6.74 14.59 18.50
CA ASN A 148 7.39 14.03 19.67
C ASN A 148 7.42 12.51 19.75
N THR A 149 6.72 11.81 18.82
CA THR A 149 6.82 10.34 18.70
C THR A 149 8.10 10.02 18.01
N LYS A 150 9.03 9.42 18.75
CA LYS A 150 10.36 9.17 18.18
C LYS A 150 10.50 7.81 17.59
N GLN A 151 9.61 6.89 17.89
CA GLN A 151 9.70 5.50 17.41
C GLN A 151 8.67 5.29 16.30
N TRP A 152 9.10 4.78 15.16
CA TRP A 152 8.22 4.39 14.08
C TRP A 152 7.34 5.55 13.65
N ASN A 153 7.91 6.74 13.60
CA ASN A 153 7.23 7.93 13.09
C ASN A 153 7.47 7.96 11.60
N LEU A 154 6.43 7.79 10.82
CA LEU A 154 6.60 7.60 9.38
CA LEU A 154 6.56 7.62 9.35
C LEU A 154 7.08 8.82 8.62
N GLY A 155 7.08 9.98 9.23
CA GLY A 155 7.70 11.16 8.68
C GLY A 155 9.16 11.37 9.05
N HIS A 156 9.75 10.49 9.82
CA HIS A 156 11.12 10.64 10.27
C HIS A 156 11.99 9.45 9.92
N LEU A 157 11.64 8.69 8.93
CA LEU A 157 12.42 7.57 8.50
C LEU A 157 13.56 8.04 7.60
N GLY A 158 14.54 7.21 7.48
CA GLY A 158 15.65 7.47 6.58
C GLY A 158 15.10 7.50 5.17
N THR A 159 15.57 8.42 4.35
CA THR A 159 15.09 8.55 3.01
C THR A 159 15.65 7.52 2.01
N ILE A 160 14.85 7.27 0.97
CA ILE A 160 15.32 6.37 -0.05
CA ILE A 160 15.26 6.37 -0.08
C ILE A 160 16.51 6.94 -0.79
N GLN A 161 16.50 8.25 -0.97
CA GLN A 161 17.61 8.91 -1.64
C GLN A 161 18.88 8.74 -0.83
N ASP A 162 18.78 8.84 0.50
CA ASP A 162 19.97 8.60 1.29
C ASP A 162 20.40 7.17 1.29
N LEU A 163 19.48 6.24 1.21
CA LEU A 163 19.79 4.82 1.13
C LEU A 163 20.57 4.57 -0.15
N LEU A 164 20.07 5.09 -1.28
CA LEU A 164 20.75 4.88 -2.58
CA LEU A 164 20.82 4.88 -2.52
C LEU A 164 22.17 5.45 -2.53
N GLU A 165 22.29 6.65 -1.94
CA GLU A 165 23.59 7.27 -1.84
C GLU A 165 24.52 6.45 -0.97
N LYS A 166 24.06 5.93 0.14
CA LYS A 166 24.85 5.13 1.01
C LYS A 166 25.31 3.79 0.38
N GLU A 167 24.44 3.17 -0.39
CA GLU A 167 24.76 1.91 -1.01
C GLU A 167 25.58 2.01 -2.27
N CYS A 168 25.24 2.93 -3.12
CA CYS A 168 25.84 3.01 -4.43
C CYS A 168 26.80 4.25 -4.57
N GLY A 169 26.91 5.11 -3.58
N GLY A 169 26.91 5.27 -3.67
CA GLY A 169 27.86 6.17 -3.56
CA GLY A 169 27.87 6.32 -3.75
C GLY A 169 27.30 7.29 -4.33
C GLY A 169 27.52 7.65 -4.35
N VAL A 170 26.10 7.20 -4.86
N VAL A 170 26.35 7.84 -4.89
CA VAL A 170 25.73 8.42 -5.55
CA VAL A 170 26.01 9.12 -5.49
C VAL A 170 24.65 9.23 -4.93
C VAL A 170 24.78 9.77 -4.96
N VAL A 171 24.79 10.48 -5.19
N VAL A 171 24.87 11.09 -4.78
CA VAL A 171 24.01 11.49 -4.58
CA VAL A 171 23.78 11.87 -4.36
C VAL A 171 22.85 11.89 -5.56
C VAL A 171 22.81 11.98 -5.50
N ILE A 172 21.57 11.90 -5.11
CA ILE A 172 20.48 12.21 -6.03
C ILE A 172 19.50 13.17 -5.45
N GLU A 173 18.85 13.88 -6.34
CA GLU A 173 17.71 14.74 -6.00
C GLU A 173 16.52 13.91 -5.53
N GLY A 174 15.56 14.55 -4.89
CA GLY A 174 14.29 13.93 -4.56
C GLY A 174 14.05 13.91 -3.08
N VAL A 175 12.77 13.84 -2.73
N VAL A 175 12.78 13.71 -2.79
CA VAL A 175 12.32 13.77 -1.35
CA VAL A 175 12.27 13.68 -1.47
C VAL A 175 11.43 12.54 -1.13
C VAL A 175 11.01 12.82 -1.53
N ASN A 176 11.08 12.22 0.09
N ASN A 176 10.87 11.98 -0.52
CA ASN A 176 10.33 11.00 0.40
CA ASN A 176 9.65 11.33 -0.20
C ASN A 176 9.37 11.38 1.58
C ASN A 176 9.27 11.62 1.25
N THR A 177 8.04 11.80 1.36
CA THR A 177 7.27 12.14 2.56
C THR A 177 5.98 11.29 2.63
N PRO A 178 5.33 11.22 3.80
CA PRO A 178 4.18 10.32 3.93
C PRO A 178 2.94 10.81 3.25
N TYR A 179 2.01 9.87 3.06
CA TYR A 179 0.71 10.15 2.59
CA TYR A 179 0.69 10.06 2.49
C TYR A 179 -0.38 9.65 3.50
N LEU A 180 -1.48 10.38 3.54
CA LEU A 180 -2.69 10.02 4.25
C LEU A 180 -3.71 9.48 3.28
N TYR A 181 -4.53 8.58 3.86
CA TYR A 181 -5.62 7.94 3.12
C TYR A 181 -6.83 7.96 4.01
N PHE A 182 -7.96 8.34 3.54
CA PHE A 182 -9.23 8.28 4.27
C PHE A 182 -10.11 7.34 3.48
N GLY A 183 -10.63 6.31 4.12
CA GLY A 183 -11.39 5.25 3.47
C GLY A 183 -12.78 5.14 4.05
N MET A 184 -13.62 4.38 3.33
CA MET A 184 -14.92 4.02 3.78
C MET A 184 -15.16 2.56 3.42
N TRP A 185 -16.30 2.01 3.80
CA TRP A 185 -16.69 0.68 3.38
C TRP A 185 -16.56 0.53 1.91
N LYS A 186 -15.90 -0.57 1.50
CA LYS A 186 -15.68 -0.97 0.09
C LYS A 186 -14.60 -0.18 -0.59
N THR A 187 -14.02 0.87 -0.02
CA THR A 187 -12.86 1.49 -0.61
CA THR A 187 -12.91 1.47 -0.74
C THR A 187 -11.81 0.40 -0.89
N THR A 188 -11.22 0.42 -2.06
CA THR A 188 -10.45 -0.73 -2.59
C THR A 188 -9.11 -0.29 -3.07
N PHE A 189 -8.08 -1.03 -2.71
CA PHE A 189 -6.78 -0.85 -3.33
C PHE A 189 -6.50 -2.03 -4.23
N ALA A 190 -6.23 -1.75 -5.49
CA ALA A 190 -6.01 -2.75 -6.51
C ALA A 190 -4.67 -3.44 -6.35
N TRP A 191 -4.55 -4.61 -7.01
CA TRP A 191 -3.33 -5.38 -6.96
C TRP A 191 -2.13 -4.59 -7.50
N HIS A 192 -1.06 -4.51 -6.68
CA HIS A 192 0.13 -3.76 -7.13
C HIS A 192 1.32 -4.17 -6.26
N THR A 193 2.51 -3.85 -6.79
CA THR A 193 3.69 -3.69 -5.98
C THR A 193 4.01 -2.21 -5.92
N GLU A 194 4.90 -1.79 -5.08
CA GLU A 194 5.25 -0.39 -4.98
C GLU A 194 6.12 0.05 -6.16
N ASP A 195 6.19 1.35 -6.35
CA ASP A 195 7.01 1.96 -7.37
C ASP A 195 8.42 1.43 -7.14
N MET A 196 9.03 1.01 -8.23
CA MET A 196 10.36 0.48 -8.19
CA MET A 196 10.36 0.49 -8.15
C MET A 196 10.71 -0.78 -7.16
N ASP A 197 9.54 -1.38 -6.88
CA ASP A 197 9.43 -2.52 -5.98
C ASP A 197 9.99 -2.21 -4.60
N LEU A 198 9.74 -0.97 -4.14
CA LEU A 198 10.14 -0.55 -2.80
C LEU A 198 9.32 -1.28 -1.72
N TYR A 199 9.85 -1.15 -0.50
CA TYR A 199 9.02 -1.50 0.67
C TYR A 199 7.95 -0.45 0.88
N SER A 200 6.92 -0.79 1.61
CA SER A 200 6.02 0.22 2.16
C SER A 200 5.79 -0.06 3.64
N ILE A 201 5.49 0.98 4.40
CA ILE A 201 5.00 0.85 5.73
C ILE A 201 3.72 1.67 5.88
N ASN A 202 2.76 1.07 6.57
CA ASN A 202 1.35 1.53 6.58
CA ASN A 202 1.41 1.48 6.58
C ASN A 202 0.85 1.43 7.99
N TYR A 203 0.43 2.56 8.51
CA TYR A 203 -0.13 2.64 9.84
C TYR A 203 -1.59 2.96 9.79
N LEU A 204 -2.43 2.24 10.53
CA LEU A 204 -3.85 2.54 10.58
C LEU A 204 -4.11 3.39 11.79
N HIS A 205 -4.26 4.68 11.59
CA HIS A 205 -4.43 5.60 12.69
C HIS A 205 -5.72 5.48 13.50
N LEU A 206 -6.82 5.31 12.81
N LEU A 206 -6.82 5.28 12.82
CA LEU A 206 -8.12 5.32 13.44
CA LEU A 206 -8.14 5.47 13.39
C LEU A 206 -9.15 4.69 12.58
C LEU A 206 -9.12 4.66 12.59
N GLY A 207 -10.21 4.24 13.22
CA GLY A 207 -11.35 3.70 12.56
C GLY A 207 -11.42 2.23 12.32
N GLU A 208 -12.19 1.89 11.32
CA GLU A 208 -12.45 0.54 11.00
C GLU A 208 -11.30 -0.13 10.27
N PRO A 209 -11.35 -1.50 10.28
CA PRO A 209 -10.22 -2.24 9.71
C PRO A 209 -9.97 -2.12 8.21
N LYS A 210 -8.80 -2.61 7.84
CA LYS A 210 -8.30 -2.68 6.46
CA LYS A 210 -8.40 -2.71 6.46
C LYS A 210 -7.88 -4.16 6.23
N THR A 211 -8.53 -4.89 5.30
CA THR A 211 -8.13 -6.21 4.93
C THR A 211 -7.20 -6.21 3.79
N TRP A 212 -6.12 -6.98 3.92
CA TRP A 212 -5.05 -7.09 2.95
C TRP A 212 -4.98 -8.51 2.37
N TYR A 213 -4.63 -8.61 1.11
CA TYR A 213 -4.33 -9.82 0.41
C TYR A 213 -2.90 -9.61 -0.14
N VAL A 214 -2.09 -10.65 -0.09
CA VAL A 214 -0.70 -10.58 -0.54
C VAL A 214 -0.21 -11.86 -1.18
N VAL A 215 0.59 -11.70 -2.20
CA VAL A 215 1.25 -12.78 -2.89
C VAL A 215 2.75 -12.77 -2.52
N PRO A 216 3.29 -13.93 -2.12
CA PRO A 216 4.74 -13.99 -1.79
C PRO A 216 5.55 -13.43 -2.97
N PRO A 217 6.60 -12.64 -2.69
CA PRO A 217 7.49 -12.14 -3.76
C PRO A 217 7.96 -13.23 -4.69
N GLU A 218 8.27 -14.40 -4.17
CA GLU A 218 8.81 -15.47 -5.00
C GLU A 218 7.79 -15.93 -6.03
N HIS A 219 6.52 -15.64 -5.83
CA HIS A 219 5.46 -16.08 -6.69
C HIS A 219 4.77 -14.92 -7.42
N GLY A 220 5.36 -13.73 -7.41
CA GLY A 220 4.67 -12.60 -8.05
C GLY A 220 4.40 -12.80 -9.50
N GLN A 221 5.30 -13.48 -10.21
N GLN A 221 5.30 -13.47 -10.24
CA GLN A 221 5.09 -13.65 -11.64
CA GLN A 221 5.05 -13.64 -11.69
C GLN A 221 3.85 -14.48 -11.91
C GLN A 221 3.88 -14.58 -11.98
N ARG A 222 3.49 -15.38 -11.01
CA ARG A 222 2.26 -16.14 -11.16
C ARG A 222 1.04 -15.26 -11.20
N LEU A 223 1.00 -14.27 -10.33
CA LEU A 223 -0.07 -13.34 -10.33
C LEU A 223 -0.07 -12.52 -11.63
N GLU A 224 1.09 -12.10 -12.06
CA GLU A 224 1.16 -11.35 -13.31
C GLU A 224 0.60 -12.12 -14.47
N ARG A 225 1.03 -13.36 -14.55
CA ARG A 225 0.52 -14.19 -15.61
CA ARG A 225 0.52 -14.22 -15.62
C ARG A 225 -1.08 -14.45 -15.71
N LEU A 226 -1.58 -14.58 -14.48
CA LEU A 226 -3.03 -14.67 -14.33
C LEU A 226 -3.69 -13.35 -14.71
N ALA A 227 -3.13 -12.25 -14.26
CA ALA A 227 -3.68 -10.93 -14.60
C ALA A 227 -3.69 -10.73 -16.10
N ARG A 228 -2.63 -11.15 -16.72
CA ARG A 228 -2.62 -11.00 -18.18
CA ARG A 228 -2.62 -11.02 -18.17
C ARG A 228 -3.78 -11.78 -19.01
N GLU A 229 -4.02 -12.93 -18.37
CA GLU A 229 -5.11 -13.77 -18.88
C GLU A 229 -6.49 -13.19 -18.63
N LEU A 230 -6.67 -12.60 -17.45
CA LEU A 230 -7.99 -12.10 -17.02
C LEU A 230 -8.31 -10.73 -17.52
N PHE A 231 -7.31 -9.95 -17.91
CA PHE A 231 -7.49 -8.60 -18.42
C PHE A 231 -6.76 -8.46 -19.72
N PRO A 232 -7.26 -9.16 -20.74
CA PRO A 232 -6.45 -9.29 -21.93
C PRO A 232 -6.28 -7.97 -22.67
N GLY A 233 -7.31 -7.13 -22.83
CA GLY A 233 -7.09 -5.82 -23.46
C GLY A 233 -6.06 -4.97 -22.72
N SER A 234 -6.16 -4.97 -21.40
CA SER A 234 -5.24 -4.13 -20.64
C SER A 234 -3.81 -4.59 -20.80
N SER A 235 -3.61 -5.89 -20.81
CA SER A 235 -2.31 -6.46 -21.00
C SER A 235 -1.72 -6.11 -22.35
N ARG A 236 -2.54 -6.07 -23.40
CA ARG A 236 -2.01 -5.71 -24.67
C ARG A 236 -1.53 -4.25 -24.67
N GLY A 237 -2.20 -3.42 -23.92
CA GLY A 237 -1.86 -2.01 -23.85
C GLY A 237 -0.60 -1.69 -23.11
N CYS A 238 -0.20 -2.55 -22.19
CA CYS A 238 0.99 -2.27 -21.37
C CYS A 238 1.52 -3.54 -20.74
N GLY A 239 2.80 -3.76 -20.94
CA GLY A 239 3.48 -4.93 -20.39
C GLY A 239 3.69 -4.97 -18.90
N ALA A 240 3.33 -3.86 -18.23
CA ALA A 240 3.36 -3.76 -16.76
C ALA A 240 2.05 -3.10 -16.29
N PHE A 241 0.91 -3.59 -16.79
CA PHE A 241 -0.32 -2.87 -16.53
C PHE A 241 -0.77 -2.94 -15.10
N LEU A 242 -0.27 -3.85 -14.30
CA LEU A 242 -0.64 -3.82 -12.87
C LEU A 242 -0.11 -2.56 -12.23
N ARG A 243 0.91 -1.91 -12.79
CA ARG A 243 1.46 -0.57 -12.44
CA ARG A 243 1.27 -0.68 -12.10
C ARG A 243 0.33 0.46 -12.45
N HIS A 244 -0.71 0.23 -13.23
CA HIS A 244 -1.80 1.19 -13.35
C HIS A 244 -2.67 1.19 -12.10
N LYS A 245 -2.60 0.12 -11.30
CA LYS A 245 -3.32 0.05 -10.06
C LYS A 245 -4.82 0.21 -10.24
N VAL A 246 -5.38 -0.61 -11.13
CA VAL A 246 -6.82 -0.61 -11.36
C VAL A 246 -7.47 -2.01 -11.41
N ALA A 247 -6.72 -3.10 -11.28
CA ALA A 247 -7.25 -4.44 -11.45
C ALA A 247 -7.43 -5.17 -10.12
N LEU A 248 -8.60 -5.77 -9.99
CA LEU A 248 -8.96 -6.59 -8.84
C LEU A 248 -9.27 -8.03 -9.30
N ILE A 249 -8.76 -8.94 -8.46
CA ILE A 249 -9.00 -10.39 -8.62
C ILE A 249 -9.30 -10.88 -7.22
N SER A 250 -10.42 -11.59 -7.05
CA SER A 250 -10.87 -12.06 -5.68
C SER A 250 -10.06 -13.22 -5.19
N PRO A 251 -10.11 -13.49 -3.89
CA PRO A 251 -9.45 -14.68 -3.37
C PRO A 251 -9.99 -15.95 -3.93
N THR A 252 -11.27 -16.01 -4.24
CA THR A 252 -11.84 -17.22 -4.88
C THR A 252 -11.21 -17.47 -6.21
N VAL A 253 -11.07 -16.43 -7.04
CA VAL A 253 -10.49 -16.59 -8.34
C VAL A 253 -9.00 -16.94 -8.19
N LEU A 254 -8.29 -16.34 -7.27
CA LEU A 254 -6.91 -16.71 -7.06
C LEU A 254 -6.79 -18.18 -6.71
N LYS A 255 -7.62 -18.56 -5.76
CA LYS A 255 -7.58 -20.04 -5.36
CA LYS A 255 -7.56 -20.03 -5.36
C LYS A 255 -7.92 -21.09 -6.52
N GLU A 256 -8.88 -20.66 -7.31
CA GLU A 256 -9.27 -21.42 -8.50
C GLU A 256 -8.14 -21.59 -9.43
N ASN A 257 -7.29 -20.59 -9.53
CA ASN A 257 -6.15 -20.58 -10.38
C ASN A 257 -4.80 -20.98 -9.75
N GLY A 258 -4.85 -21.48 -8.53
CA GLY A 258 -3.66 -21.96 -7.88
C GLY A 258 -2.68 -20.91 -7.46
N ILE A 259 -3.05 -19.63 -7.36
CA ILE A 259 -2.11 -18.59 -7.06
C ILE A 259 -1.86 -18.58 -5.54
N PRO A 260 -0.61 -18.68 -5.12
CA PRO A 260 -0.42 -18.65 -3.67
CA PRO A 260 -0.27 -18.60 -3.69
C PRO A 260 -0.61 -17.21 -3.16
N PHE A 261 -1.32 -17.12 -2.05
CA PHE A 261 -1.59 -15.83 -1.43
C PHE A 261 -1.96 -16.03 0.02
N ASN A 262 -1.97 -14.94 0.78
CA ASN A 262 -2.47 -14.92 2.12
C ASN A 262 -3.28 -13.69 2.37
N ARG A 263 -4.03 -13.67 3.46
CA ARG A 263 -4.89 -12.55 3.84
C ARG A 263 -4.73 -12.24 5.30
N ILE A 264 -4.92 -10.99 5.68
CA ILE A 264 -4.87 -10.59 7.09
C ILE A 264 -5.65 -9.30 7.20
N THR A 265 -6.23 -9.06 8.35
CA THR A 265 -6.91 -7.79 8.65
C THR A 265 -6.12 -6.95 9.57
N GLN A 266 -5.88 -5.72 9.22
CA GLN A 266 -5.17 -4.71 10.05
C GLN A 266 -6.23 -3.90 10.78
N GLU A 267 -5.98 -3.68 12.06
CA GLU A 267 -6.83 -2.92 12.94
C GLU A 267 -6.11 -1.63 13.35
N ALA A 268 -6.90 -0.68 13.85
CA ALA A 268 -6.32 0.61 14.24
C ALA A 268 -5.26 0.38 15.28
N GLY A 269 -4.15 1.11 15.12
CA GLY A 269 -3.03 0.98 16.01
C GLY A 269 -1.94 0.02 15.57
N GLU A 270 -2.11 -0.61 14.42
CA GLU A 270 -1.22 -1.61 13.90
C GLU A 270 -0.53 -1.10 12.65
N PHE A 271 0.71 -1.54 12.51
CA PHE A 271 1.48 -1.29 11.28
C PHE A 271 1.49 -2.53 10.40
N MET A 272 1.51 -2.30 9.08
CA MET A 272 1.78 -3.34 8.11
C MET A 272 2.99 -2.92 7.31
N VAL A 273 3.94 -3.81 7.07
CA VAL A 273 5.05 -3.59 6.14
C VAL A 273 4.86 -4.49 4.93
N THR A 274 4.92 -3.90 3.75
CA THR A 274 5.03 -4.68 2.53
C THR A 274 6.47 -4.71 2.08
N PHE A 275 6.90 -5.85 1.54
CA PHE A 275 8.28 -6.12 1.17
C PHE A 275 8.43 -6.02 -0.32
N PRO A 276 9.67 -5.80 -0.80
CA PRO A 276 9.90 -5.62 -2.21
C PRO A 276 9.26 -6.73 -3.03
N TYR A 277 8.50 -6.31 -4.05
CA TYR A 277 7.89 -7.22 -5.00
C TYR A 277 6.80 -8.09 -4.40
N GLY A 278 6.27 -7.65 -3.26
CA GLY A 278 5.10 -8.29 -2.65
C GLY A 278 3.82 -7.66 -3.17
N TYR A 279 3.15 -8.33 -4.10
CA TYR A 279 1.88 -7.80 -4.59
C TYR A 279 0.85 -7.79 -3.49
N HIS A 280 0.06 -6.74 -3.42
CA HIS A 280 -1.00 -6.63 -2.41
C HIS A 280 -2.20 -5.90 -2.96
N ALA A 281 -3.34 -6.13 -2.32
CA ALA A 281 -4.63 -5.54 -2.66
C ALA A 281 -5.43 -5.56 -1.39
N GLY A 282 -6.54 -4.86 -1.33
CA GLY A 282 -7.37 -4.97 -0.16
C GLY A 282 -8.52 -3.99 -0.15
N PHE A 283 -9.20 -3.93 0.98
CA PHE A 283 -10.40 -3.11 1.14
C PHE A 283 -10.57 -2.65 2.56
N ASN A 284 -11.31 -1.57 2.71
CA ASN A 284 -11.65 -0.99 4.03
C ASN A 284 -13.01 -1.41 4.48
N HIS A 285 -13.09 -1.58 5.80
CA HIS A 285 -14.33 -2.07 6.42
C HIS A 285 -15.34 -0.95 6.70
N GLY A 286 -14.90 0.29 6.74
CA GLY A 286 -15.71 1.44 7.13
C GLY A 286 -14.77 2.60 7.26
N PHE A 287 -15.27 3.71 7.79
CA PHE A 287 -14.47 4.93 7.89
C PHE A 287 -13.17 4.66 8.61
N ASN A 288 -12.06 5.06 8.01
CA ASN A 288 -10.75 4.95 8.59
C ASN A 288 -9.78 5.98 8.03
N CYS A 289 -8.61 6.06 8.67
CA CYS A 289 -7.52 6.91 8.26
CA CYS A 289 -7.52 6.87 8.27
C CYS A 289 -6.25 6.11 8.42
N ALA A 290 -5.46 6.04 7.34
CA ALA A 290 -4.17 5.40 7.32
C ALA A 290 -3.11 6.38 6.86
N GLU A 291 -1.87 6.06 7.20
CA GLU A 291 -0.72 6.83 6.74
C GLU A 291 0.27 5.83 6.23
N ALA A 292 0.96 6.17 5.12
CA ALA A 292 1.91 5.23 4.52
C ALA A 292 3.05 5.98 3.84
N ILE A 293 4.16 5.29 3.69
CA ILE A 293 5.31 5.81 3.00
C ILE A 293 6.10 4.64 2.48
N ASN A 294 6.79 4.81 1.36
CA ASN A 294 7.75 3.86 0.85
C ASN A 294 9.08 4.04 1.54
N PHE A 295 9.86 2.96 1.64
CA PHE A 295 11.19 3.03 2.15
C PHE A 295 12.06 1.94 1.53
N ALA A 296 13.36 2.04 1.75
CA ALA A 296 14.34 1.09 1.22
C ALA A 296 15.27 0.63 2.31
N THR A 297 15.90 -0.50 2.00
CA THR A 297 17.00 -1.06 2.78
C THR A 297 18.05 -1.55 1.80
N PRO A 298 19.20 -1.96 2.29
CA PRO A 298 20.20 -2.50 1.33
C PRO A 298 19.65 -3.64 0.47
N ARG A 299 18.80 -4.47 1.03
CA ARG A 299 18.27 -5.62 0.29
C ARG A 299 17.37 -5.20 -0.87
N TRP A 300 16.81 -3.99 -0.80
CA TRP A 300 15.95 -3.48 -1.88
C TRP A 300 16.75 -3.26 -3.16
N ILE A 301 18.01 -2.88 -3.12
CA ILE A 301 18.71 -2.37 -4.30
CA ILE A 301 18.59 -2.35 -4.33
C ILE A 301 18.53 -3.34 -5.47
N ASP A 302 18.73 -4.63 -5.28
CA ASP A 302 18.58 -5.61 -6.36
C ASP A 302 17.18 -5.67 -6.91
N TYR A 303 16.19 -5.47 -6.07
CA TYR A 303 14.80 -5.42 -6.56
C TYR A 303 14.60 -4.17 -7.41
N GLY A 304 15.14 -3.02 -6.96
CA GLY A 304 15.01 -1.82 -7.74
C GLY A 304 15.63 -1.92 -9.09
N LYS A 305 16.78 -2.59 -9.22
CA LYS A 305 17.43 -2.78 -10.46
C LYS A 305 16.62 -3.56 -11.45
N MET A 306 15.87 -4.48 -10.93
CA MET A 306 15.06 -5.37 -11.70
CA MET A 306 15.08 -5.34 -11.72
C MET A 306 13.50 -5.10 -11.93
N ALA A 307 13.09 -3.98 -11.27
CA ALA A 307 11.67 -3.64 -11.29
C ALA A 307 11.15 -3.35 -12.67
N SER A 308 9.99 -3.91 -13.00
N SER A 308 9.97 -3.86 -12.98
CA SER A 308 9.41 -3.81 -14.34
CA SER A 308 9.36 -3.52 -14.25
C SER A 308 8.59 -2.48 -14.38
C SER A 308 9.03 -2.07 -14.22
N GLN A 309 8.73 -1.64 -15.42
CA GLN A 309 8.24 -0.30 -15.46
C GLN A 309 7.14 -0.18 -16.50
N CYS A 310 6.18 0.70 -16.19
CA CYS A 310 5.17 1.14 -17.13
C CYS A 310 5.70 2.35 -17.89
N SER A 311 5.63 2.27 -19.20
CA SER A 311 6.12 3.31 -20.08
CA SER A 311 6.01 3.42 -20.01
C SER A 311 4.99 3.62 -21.10
N CYS A 312 3.75 3.15 -20.92
CA CYS A 312 2.68 3.43 -21.84
C CYS A 312 2.01 4.74 -21.59
N GLY A 313 2.37 5.37 -20.51
CA GLY A 313 1.81 6.63 -20.11
C GLY A 313 0.80 6.65 -18.98
N GLU A 314 0.02 5.61 -18.85
CA GLU A 314 -0.98 5.60 -17.83
C GLU A 314 -0.53 5.71 -16.40
N ALA A 315 0.52 5.02 -15.99
CA ALA A 315 0.83 4.93 -14.59
C ALA A 315 0.96 6.20 -13.76
N ARG A 316 1.67 7.26 -14.16
CA ARG A 316 1.76 8.46 -13.34
C ARG A 316 3.03 9.17 -13.63
N VAL A 317 3.21 10.23 -12.87
CA VAL A 317 4.40 11.02 -12.86
C VAL A 317 4.82 11.12 -11.39
N THR A 318 5.87 10.41 -11.01
CA THR A 318 6.36 10.46 -9.63
C THR A 318 7.77 10.94 -9.89
N PHE A 319 8.03 12.13 -9.40
CA PHE A 319 9.29 12.81 -9.64
C PHE A 319 10.50 12.14 -9.09
N SER A 320 10.34 11.62 -7.90
CA SER A 320 11.38 10.97 -7.14
C SER A 320 11.78 9.73 -7.88
N MET A 321 10.86 9.11 -8.61
CA MET A 321 11.20 7.87 -9.34
C MET A 321 12.25 8.08 -10.41
N ASP A 322 12.35 9.27 -10.97
CA ASP A 322 13.25 9.51 -12.06
C ASP A 322 14.66 9.14 -11.75
N ALA A 323 15.18 9.56 -10.62
CA ALA A 323 16.52 9.28 -10.26
C ALA A 323 16.75 7.83 -10.02
N PHE A 324 15.74 7.21 -9.44
CA PHE A 324 15.87 5.78 -9.25
CA PHE A 324 15.86 5.78 -9.28
C PHE A 324 16.05 4.85 -10.59
N VAL A 325 15.24 5.22 -11.56
CA VAL A 325 15.36 4.63 -12.86
C VAL A 325 16.67 5.02 -13.55
N ARG A 326 17.03 6.28 -13.44
CA ARG A 326 18.22 6.83 -14.06
C ARG A 326 19.46 6.15 -13.60
N ILE A 327 19.58 5.96 -12.32
CA ILE A 327 20.75 5.31 -11.76
C ILE A 327 20.70 3.77 -11.78
N LEU A 328 19.58 3.15 -11.42
CA LEU A 328 19.52 1.73 -11.36
C LEU A 328 19.23 1.05 -12.66
N GLN A 329 18.56 1.73 -13.58
N GLN A 329 18.54 1.71 -13.57
CA GLN A 329 18.06 1.14 -14.84
CA GLN A 329 18.16 1.10 -14.84
C GLN A 329 18.42 2.01 -16.06
C GLN A 329 18.43 2.06 -15.96
N PRO A 330 19.73 2.33 -16.22
CA PRO A 330 20.07 3.28 -17.29
C PRO A 330 19.59 2.88 -18.66
N GLU A 331 19.60 1.57 -18.98
CA GLU A 331 19.15 1.18 -20.29
CA GLU A 331 19.16 1.16 -20.31
C GLU A 331 17.68 1.48 -20.52
N ARG A 332 16.84 1.43 -19.50
CA ARG A 332 15.46 1.69 -19.61
C ARG A 332 15.06 3.09 -19.49
N TYR A 333 15.97 3.93 -19.03
CA TYR A 333 15.58 5.27 -18.63
C TYR A 333 14.95 6.09 -19.74
N ASP A 334 15.56 6.12 -20.92
CA ASP A 334 15.00 7.01 -21.94
CA ASP A 334 15.05 6.95 -22.03
C ASP A 334 13.59 6.63 -22.30
N LEU A 335 13.32 5.36 -22.45
CA LEU A 335 11.96 4.88 -22.78
C LEU A 335 10.97 5.18 -21.65
N TRP A 336 11.36 4.94 -20.41
CA TRP A 336 10.50 5.26 -19.30
C TRP A 336 10.23 6.78 -19.28
N LYS A 337 11.27 7.60 -19.48
CA LYS A 337 11.14 9.08 -19.38
C LYS A 337 10.16 9.55 -20.43
N ARG A 338 10.13 8.93 -21.58
CA ARG A 338 9.13 9.28 -22.59
C ARG A 338 7.73 9.03 -22.06
N GLY A 339 7.53 7.92 -21.38
CA GLY A 339 6.22 7.65 -20.84
C GLY A 339 5.76 8.64 -19.80
N GLN A 340 6.71 9.38 -19.23
CA GLN A 340 6.41 10.38 -18.22
C GLN A 340 5.98 11.65 -18.91
ZN ZN B . 1.28 1.19 -18.57
CL CL C . -22.78 -4.91 1.02
NA NA D . -1.12 -19.77 3.08
C1 EDO E . -25.64 -11.40 1.47
O1 EDO E . -24.88 -10.85 2.49
C2 EDO E . -26.02 -10.24 0.74
O2 EDO E . -25.16 -9.22 1.13
H11 EDO E . -25.08 -12.07 0.81
H12 EDO E . -26.50 -11.94 1.87
HO1 EDO E . -23.95 -10.92 2.25
H21 EDO E . -25.97 -10.42 -0.31
H22 EDO E . -27.05 -9.96 0.98
HO2 EDO E . -25.38 -8.41 0.66
C1 EDO F . 11.57 7.41 13.09
O1 EDO F . 10.71 7.27 14.15
C2 EDO F . 12.56 6.27 13.01
O2 EDO F . 13.33 6.08 14.18
H11 EDO F . 11.01 7.47 12.16
H12 EDO F . 12.12 8.35 13.21
HO1 EDO F . 10.25 8.10 14.29
H21 EDO F . 13.23 6.45 12.18
H22 EDO F . 12.00 5.35 12.80
HO2 EDO F . 13.92 5.32 14.05
C1 EDO G . -12.40 -17.57 0.10
O1 EDO G . -12.44 -16.19 0.30
C2 EDO G . -11.83 -17.99 -1.20
O2 EDO G . -10.40 -18.04 -1.07
H11 EDO G . -11.83 -18.03 0.91
H12 EDO G . -13.42 -17.97 0.17
HO1 EDO G . -12.83 -15.99 1.15
H21 EDO G . -12.09 -17.27 -1.97
H22 EDO G . -12.26 -18.96 -1.47
HO2 EDO G . -10.01 -18.29 -1.91
C1 EDO H . 1.85 3.85 -0.14
O1 EDO H . 3.04 3.16 -0.09
C2 EDO H . 2.27 5.29 -0.22
O2 EDO H . 3.41 5.38 -1.03
H11 EDO H . 1.27 3.59 -1.02
H12 EDO H . 1.25 3.67 0.75
HO1 EDO H . 2.87 2.21 -0.04
H21 EDO H . 1.50 5.88 -0.68
H22 EDO H . 2.49 5.69 0.79
HO2 EDO H . 3.69 6.30 -1.09
C1 EDO I . -7.70 -24.81 -3.35
O1 EDO I . -8.60 -24.92 -4.35
C2 EDO I . -8.49 -24.30 -2.20
O2 EDO I . -9.01 -25.31 -1.42
H11 EDO I . -6.94 -24.05 -3.48
H12 EDO I . -7.23 -25.77 -3.12
HO1 EDO I . -8.17 -25.25 -5.15
H21 EDO I . -9.37 -23.84 -2.66
H22 EDO I . -7.92 -23.56 -1.66
HO2 EDO I . -9.52 -24.93 -0.69
S SO4 J . -4.03 16.29 19.48
O1 SO4 J . -5.12 15.96 20.42
O2 SO4 J . -3.21 15.06 19.32
O3 SO4 J . -4.61 16.79 18.26
O4 SO4 J . -3.16 17.28 20.09
NI NI K . 0.92 -0.46 -1.79
NAD BWZ L . -6.36 2.02 1.52
NAB BWZ L . -7.38 2.09 0.76
NAA BWZ L . -7.01 2.31 -0.47
NAC BWZ L . -5.71 2.34 -0.45
CAE BWZ L . -5.28 2.18 0.76
CAF BWZ L . -4.03 2.12 1.19
CAK BWZ L . -3.01 1.40 0.53
CAI BWZ L . -3.75 2.69 2.41
CAG BWZ L . -2.45 2.58 2.85
CAH BWZ L . -1.46 1.91 2.18
CAJ BWZ L . -1.73 1.26 1.00
CAL BWZ L . -0.71 0.60 0.28
OAM BWZ L . -0.89 0.05 -0.80
NAN BWZ L . 0.51 0.62 0.83
NAO BWZ L . 1.50 0.06 0.14
HAB BWZ L . -8.25 2.03 1.02
HAK BWZ L . -3.24 0.97 -0.32
HAI BWZ L . -4.42 3.19 2.90
HAG BWZ L . -2.23 3.01 3.70
HAH BWZ L . -0.57 1.87 2.57
HAN BWZ L . 0.69 1.04 1.62
HAO BWZ L . 1.58 0.47 -0.67
HAP BWZ L . 1.30 -0.83 0.02
HAQ BWZ L . 2.27 0.14 0.61
#